data_4OYN
#
_entry.id   4OYN
#
_cell.length_a   183.910
_cell.length_b   183.910
_cell.length_c   183.910
_cell.angle_alpha   90.00
_cell.angle_beta   90.00
_cell.angle_gamma   90.00
#
_symmetry.space_group_name_H-M   'F 4 3 2'
#
loop_
_entity.id
_entity.type
_entity.pdbx_description
1 polymer 'Ferritin heavy chain'
2 non-polymer 2-AMINO-2-HYDROXYMETHYL-PROPANE-1,3-DIOL
3 non-polymer BICINE
4 non-polymer 'FE (III) ION'
5 non-polymer 'CHLORIDE ION'
6 non-polymer 'MAGNESIUM ION'
7 water water
#
_entity_poly.entity_id   1
_entity_poly.type   'polypeptide(L)'
_entity_poly.pdbx_seq_one_letter_code
;MTTASTSQVRQNYHQDSEAAINRQINLELYASYVYLSMSYYFDRDDVALKNFAKYFLHQSHEEREHAEKLMKLQNQRGGR
IFLQDIKKPDCDDWESGLNAMECALHLEKNVNQSLLELHKLATDKNDPHLCDFIETHYLNEQVKAIKELGDHVTNLRKMG
APESGLAEYLFDKHTLGDSDNES
;
_entity_poly.pdbx_strand_id   A
#
loop_
_chem_comp.id
_chem_comp.type
_chem_comp.name
_chem_comp.formula
BCN non-polymer BICINE 'C6 H13 N O4'
CL non-polymer 'CHLORIDE ION' 'Cl -1'
FE non-polymer 'FE (III) ION' 'Fe 3'
MG non-polymer 'MAGNESIUM ION' 'Mg 2'
TRS non-polymer 2-AMINO-2-HYDROXYMETHYL-PROPANE-1,3-DIOL 'C4 H12 N O3 1'
#
# COMPACT_ATOMS: atom_id res chain seq x y z
N THR A 6 -21.64 -21.74 11.66
CA THR A 6 -20.21 -21.45 11.92
C THR A 6 -19.32 -22.37 11.08
N SER A 7 -18.28 -21.81 10.50
CA SER A 7 -17.25 -22.58 9.79
C SER A 7 -16.61 -23.60 10.71
N GLN A 8 -16.41 -24.82 10.21
CA GLN A 8 -15.78 -25.91 10.98
C GLN A 8 -14.35 -25.59 11.41
N VAL A 9 -13.69 -24.62 10.76
CA VAL A 9 -12.31 -24.28 11.10
C VAL A 9 -12.20 -23.12 12.10
N ARG A 10 -13.28 -22.35 12.26
CA ARG A 10 -13.22 -21.10 13.01
C ARG A 10 -12.92 -21.33 14.50
N GLN A 11 -11.94 -20.59 15.01
CA GLN A 11 -11.56 -20.70 16.42
C GLN A 11 -10.85 -19.42 16.84
N ASN A 12 -11.34 -18.80 17.91
CA ASN A 12 -10.77 -17.57 18.47
C ASN A 12 -10.70 -16.42 17.46
N TYR A 13 -11.67 -16.35 16.55
CA TYR A 13 -11.68 -15.36 15.48
C TYR A 13 -12.93 -14.49 15.59
N HIS A 14 -12.75 -13.27 16.09
CA HIS A 14 -13.89 -12.41 16.42
C HIS A 14 -14.53 -11.85 15.14
N GLN A 15 -15.85 -11.68 15.17
CA GLN A 15 -16.58 -11.08 14.05
CA GLN A 15 -16.57 -11.10 14.03
C GLN A 15 -16.03 -9.70 13.67
N ASP A 16 -15.60 -8.94 14.68
CA ASP A 16 -15.03 -7.62 14.42
C ASP A 16 -13.72 -7.73 13.64
N SER A 17 -12.92 -8.75 13.95
CA SER A 17 -11.64 -8.97 13.27
C SER A 17 -11.89 -9.35 11.82
N GLU A 18 -12.85 -10.24 11.61
CA GLU A 18 -13.29 -10.64 10.28
C GLU A 18 -13.69 -9.44 9.42
N ALA A 19 -14.51 -8.55 9.97
CA ALA A 19 -14.94 -7.35 9.26
C ALA A 19 -13.75 -6.41 8.98
N ALA A 20 -12.86 -6.25 9.95
CA ALA A 20 -11.67 -5.41 9.78
C ALA A 20 -10.72 -5.95 8.68
N ILE A 21 -10.62 -7.26 8.57
CA ILE A 21 -9.84 -7.89 7.51
C ILE A 21 -10.45 -7.59 6.13
N ASN A 22 -11.77 -7.66 6.01
CA ASN A 22 -12.43 -7.27 4.77
C ASN A 22 -12.16 -5.80 4.41
N ARG A 23 -12.20 -4.91 5.39
CA ARG A 23 -11.87 -3.51 5.13
CA ARG A 23 -11.85 -3.50 5.18
C ARG A 23 -10.42 -3.35 4.67
N GLN A 24 -9.51 -4.11 5.28
CA GLN A 24 -8.09 -4.04 4.89
C GLN A 24 -7.87 -4.55 3.46
N ILE A 25 -8.57 -5.61 3.08
CA ILE A 25 -8.51 -6.10 1.70
C ILE A 25 -8.84 -4.99 0.72
N ASN A 26 -9.92 -4.24 0.97
CA ASN A 26 -10.30 -3.15 0.10
C ASN A 26 -9.22 -2.06 0.03
N LEU A 27 -8.65 -1.73 1.18
CA LEU A 27 -7.61 -0.69 1.24
C LEU A 27 -6.34 -1.08 0.47
N GLU A 28 -5.93 -2.36 0.55
CA GLU A 28 -4.78 -2.84 -0.20
C GLU A 28 -5.02 -2.77 -1.70
N LEU A 29 -6.23 -3.16 -2.13
CA LEU A 29 -6.61 -3.04 -3.54
C LEU A 29 -6.65 -1.58 -4.00
N TYR A 30 -7.16 -0.69 -3.15
CA TYR A 30 -7.11 0.75 -3.42
C TYR A 30 -5.68 1.23 -3.63
N ALA A 31 -4.78 0.82 -2.74
CA ALA A 31 -3.36 1.20 -2.86
C ALA A 31 -2.79 0.69 -4.19
N SER A 32 -3.17 -0.54 -4.58
CA SER A 32 -2.73 -1.09 -5.86
C SER A 32 -3.17 -0.18 -7.02
N TYR A 33 -4.41 0.33 -6.94
CA TYR A 33 -4.98 1.19 -7.97
C TYR A 33 -4.27 2.55 -8.03
N VAL A 34 -3.99 3.14 -6.87
CA VAL A 34 -3.25 4.41 -6.81
C VAL A 34 -1.90 4.28 -7.52
N TYR A 35 -1.15 3.25 -7.19
CA TYR A 35 0.15 3.03 -7.82
C TYR A 35 0.05 2.73 -9.32
N LEU A 36 -1.00 2.02 -9.73
CA LEU A 36 -1.22 1.75 -11.16
C LEU A 36 -1.42 3.06 -11.93
N SER A 37 -2.25 3.94 -11.38
CA SER A 37 -2.49 5.26 -11.96
C SER A 37 -1.20 6.07 -12.05
N MET A 38 -0.45 6.13 -10.94
CA MET A 38 0.83 6.84 -10.91
C MET A 38 1.78 6.31 -11.97
N SER A 39 1.90 4.99 -12.07
CA SER A 39 2.81 4.37 -13.03
C SER A 39 2.58 4.89 -14.45
N TYR A 40 1.33 4.83 -14.90
CA TYR A 40 1.06 5.19 -16.29
C TYR A 40 1.11 6.69 -16.56
N TYR A 41 0.96 7.51 -15.50
CA TYR A 41 1.23 8.93 -15.63
C TYR A 41 2.66 9.15 -16.14
N PHE A 42 3.62 8.41 -15.60
CA PHE A 42 5.02 8.57 -15.99
C PHE A 42 5.36 7.97 -17.35
N ASP A 43 4.44 7.18 -17.89
CA ASP A 43 4.51 6.62 -19.24
C ASP A 43 3.94 7.58 -20.31
N ARG A 44 3.32 8.68 -19.88
CA ARG A 44 2.84 9.69 -20.84
C ARG A 44 3.98 10.29 -21.63
N ASP A 45 3.73 10.59 -22.91
CA ASP A 45 4.76 11.17 -23.77
C ASP A 45 5.24 12.54 -23.30
N ASP A 46 4.41 13.24 -22.52
CA ASP A 46 4.76 14.58 -22.00
CA ASP A 46 4.75 14.58 -22.01
C ASP A 46 5.30 14.54 -20.58
N VAL A 47 5.57 13.34 -20.08
CA VAL A 47 6.18 13.14 -18.76
C VAL A 47 7.46 12.32 -18.96
N ALA A 48 7.30 11.10 -19.47
CA ALA A 48 8.39 10.30 -20.03
C ALA A 48 9.54 9.98 -19.06
N LEU A 49 9.18 9.49 -17.88
CA LEU A 49 10.16 9.01 -16.89
C LEU A 49 9.93 7.52 -16.66
N LYS A 50 10.62 6.71 -17.45
CA LYS A 50 10.31 5.28 -17.55
C LYS A 50 10.62 4.49 -16.27
N ASN A 51 11.58 4.94 -15.48
CA ASN A 51 11.89 4.23 -14.24
C ASN A 51 10.96 4.59 -13.09
N PHE A 52 10.47 5.82 -13.06
CA PHE A 52 9.32 6.15 -12.20
C PHE A 52 8.14 5.24 -12.55
N ALA A 53 7.87 5.09 -13.85
CA ALA A 53 6.76 4.22 -14.27
C ALA A 53 6.96 2.79 -13.80
N LYS A 54 8.17 2.25 -14.00
CA LYS A 54 8.48 0.89 -13.58
CA LYS A 54 8.53 0.90 -13.58
C LYS A 54 8.39 0.71 -12.07
N TYR A 55 8.95 1.66 -11.31
CA TYR A 55 8.92 1.61 -9.85
C TYR A 55 7.49 1.53 -9.32
N PHE A 56 6.63 2.44 -9.79
CA PHE A 56 5.26 2.47 -9.31
C PHE A 56 4.44 1.26 -9.77
N LEU A 57 4.71 0.73 -10.96
CA LEU A 57 4.02 -0.48 -11.40
C LEU A 57 4.39 -1.66 -10.50
N HIS A 58 5.67 -1.76 -10.12
CA HIS A 58 6.06 -2.81 -9.20
C HIS A 58 5.37 -2.64 -7.84
N GLN A 59 5.32 -1.42 -7.33
CA GLN A 59 4.61 -1.15 -6.08
C GLN A 59 3.14 -1.55 -6.17
N SER A 60 2.52 -1.29 -7.33
CA SER A 60 1.13 -1.67 -7.56
C SER A 60 0.94 -3.18 -7.44
N HIS A 61 1.83 -3.93 -8.08
CA HIS A 61 1.72 -5.39 -8.06
C HIS A 61 1.96 -5.95 -6.64
N GLU A 62 2.87 -5.34 -5.89
CA GLU A 62 3.08 -5.71 -4.49
C GLU A 62 1.82 -5.53 -3.65
N GLU A 63 1.11 -4.41 -3.85
CA GLU A 63 -0.13 -4.16 -3.11
C GLU A 63 -1.20 -5.21 -3.41
N ARG A 64 -1.27 -5.65 -4.65
CA ARG A 64 -2.19 -6.74 -5.00
CA ARG A 64 -2.18 -6.75 -5.01
C ARG A 64 -1.83 -8.02 -4.24
N GLU A 65 -0.54 -8.31 -4.12
CA GLU A 65 -0.09 -9.47 -3.33
C GLU A 65 -0.51 -9.31 -1.87
N HIS A 66 -0.40 -8.09 -1.32
CA HIS A 66 -0.84 -7.82 0.05
C HIS A 66 -2.33 -8.14 0.22
N ALA A 67 -3.15 -7.75 -0.75
CA ALA A 67 -4.59 -8.01 -0.72
C ALA A 67 -4.90 -9.50 -0.77
N GLU A 68 -4.25 -10.21 -1.70
CA GLU A 68 -4.48 -11.64 -1.88
C GLU A 68 -4.11 -12.44 -0.63
N LYS A 69 -3.04 -12.06 0.07
CA LYS A 69 -2.63 -12.75 1.30
CA LYS A 69 -2.65 -12.77 1.29
C LYS A 69 -3.68 -12.57 2.41
N LEU A 70 -4.31 -11.40 2.45
CA LEU A 70 -5.38 -11.15 3.40
C LEU A 70 -6.63 -11.96 3.07
N MET A 71 -6.92 -12.13 1.79
CA MET A 71 -8.01 -13.00 1.36
C MET A 71 -7.75 -14.45 1.78
N LYS A 72 -6.51 -14.90 1.60
CA LYS A 72 -6.10 -16.23 2.06
CA LYS A 72 -6.09 -16.23 2.06
C LYS A 72 -6.29 -16.37 3.57
N LEU A 73 -5.86 -15.36 4.32
CA LEU A 73 -6.01 -15.34 5.78
C LEU A 73 -7.47 -15.46 6.20
N GLN A 74 -8.34 -14.67 5.57
CA GLN A 74 -9.77 -14.71 5.88
C GLN A 74 -10.28 -16.15 5.80
N ASN A 75 -10.00 -16.84 4.69
CA ASN A 75 -10.41 -18.23 4.55
C ASN A 75 -9.71 -19.19 5.53
N GLN A 76 -8.42 -18.97 5.77
CA GLN A 76 -7.69 -19.80 6.74
C GLN A 76 -8.36 -19.81 8.11
N ARG A 77 -8.88 -18.65 8.52
CA ARG A 77 -9.48 -18.51 9.85
C ARG A 77 -10.98 -18.82 9.87
N GLY A 78 -11.57 -19.08 8.70
CA GLY A 78 -12.98 -19.42 8.61
C GLY A 78 -13.91 -18.22 8.52
N GLY A 79 -13.36 -17.05 8.26
CA GLY A 79 -14.15 -15.86 7.96
C GLY A 79 -14.63 -15.92 6.52
N ARG A 80 -15.50 -14.97 6.17
CA ARG A 80 -16.02 -14.92 4.81
C ARG A 80 -15.70 -13.58 4.16
N ILE A 81 -15.09 -13.67 2.98
CA ILE A 81 -14.67 -12.49 2.22
C ILE A 81 -15.90 -11.75 1.71
N PHE A 82 -15.92 -10.44 1.96
CA PHE A 82 -16.91 -9.56 1.36
C PHE A 82 -16.20 -8.38 0.73
N LEU A 83 -16.40 -8.24 -0.58
CA LEU A 83 -15.70 -7.26 -1.38
C LEU A 83 -16.55 -6.03 -1.59
N GLN A 84 -15.88 -4.89 -1.74
CA GLN A 84 -16.55 -3.62 -2.06
C GLN A 84 -15.90 -2.99 -3.27
N ASP A 85 -16.56 -1.99 -3.85
CA ASP A 85 -15.98 -1.25 -4.98
C ASP A 85 -14.57 -0.79 -4.63
N ILE A 86 -13.68 -0.79 -5.63
CA ILE A 86 -12.36 -0.18 -5.47
CA ILE A 86 -12.36 -0.19 -5.48
C ILE A 86 -12.45 1.26 -5.99
N LYS A 87 -12.34 2.22 -5.08
CA LYS A 87 -12.47 3.63 -5.45
C LYS A 87 -11.32 4.05 -6.35
N LYS A 88 -11.61 4.91 -7.32
CA LYS A 88 -10.56 5.48 -8.16
C LYS A 88 -9.62 6.34 -7.32
N PRO A 89 -8.35 6.46 -7.75
CA PRO A 89 -7.40 7.31 -7.01
C PRO A 89 -7.83 8.79 -6.97
N ASP A 90 -7.31 9.54 -5.99
CA ASP A 90 -7.73 10.94 -5.81
C ASP A 90 -7.30 11.92 -6.92
N CYS A 91 -6.27 11.55 -7.68
CA CYS A 91 -5.76 12.38 -8.76
C CYS A 91 -5.68 11.63 -10.09
N ASP A 92 -5.93 12.34 -11.19
CA ASP A 92 -5.68 11.81 -12.53
C ASP A 92 -4.28 12.20 -13.00
N ASP A 93 -3.90 13.46 -12.72
CA ASP A 93 -2.59 14.02 -13.05
C ASP A 93 -1.76 14.12 -11.77
N TRP A 94 -0.57 13.53 -11.78
CA TRP A 94 0.25 13.47 -10.56
C TRP A 94 1.34 14.55 -10.47
N GLU A 95 1.35 15.48 -11.43
CA GLU A 95 2.18 16.71 -11.43
C GLU A 95 3.68 16.56 -11.73
N SER A 96 4.34 15.67 -10.98
CA SER A 96 5.80 15.53 -11.03
C SER A 96 6.21 14.26 -10.31
N GLY A 97 7.46 13.85 -10.52
CA GLY A 97 8.03 12.73 -9.78
C GLY A 97 7.99 12.96 -8.28
N LEU A 98 8.36 14.17 -7.85
CA LEU A 98 8.35 14.51 -6.43
C LEU A 98 6.94 14.43 -5.85
N ASN A 99 5.96 15.01 -6.54
CA ASN A 99 4.60 14.99 -6.04
C ASN A 99 4.04 13.57 -5.93
N ALA A 100 4.35 12.71 -6.90
CA ALA A 100 3.90 11.32 -6.84
C ALA A 100 4.53 10.59 -5.65
N MET A 101 5.82 10.81 -5.43
CA MET A 101 6.50 10.23 -4.26
C MET A 101 5.89 10.70 -2.95
N GLU A 102 5.51 11.97 -2.88
CA GLU A 102 4.85 12.50 -1.69
C GLU A 102 3.48 11.87 -1.47
N CYS A 103 2.72 11.68 -2.55
CA CYS A 103 1.43 11.03 -2.44
CA CYS A 103 1.42 11.00 -2.49
C CYS A 103 1.58 9.56 -2.04
N ALA A 104 2.61 8.89 -2.56
CA ALA A 104 2.89 7.50 -2.18
C ALA A 104 3.25 7.40 -0.69
N LEU A 105 4.07 8.33 -0.21
CA LEU A 105 4.41 8.37 1.22
C LEU A 105 3.15 8.51 2.08
N HIS A 106 2.28 9.45 1.71
CA HIS A 106 1.02 9.68 2.43
C HIS A 106 0.14 8.42 2.41
N LEU A 107 0.04 7.78 1.24
CA LEU A 107 -0.72 6.54 1.09
C LEU A 107 -0.19 5.45 2.02
N GLU A 108 1.13 5.25 2.02
CA GLU A 108 1.73 4.19 2.81
C GLU A 108 1.54 4.40 4.31
N LYS A 109 1.62 5.65 4.75
N LYS A 109 1.60 5.66 4.76
CA LYS A 109 1.36 5.96 6.16
CA LYS A 109 1.35 5.99 6.16
C LYS A 109 -0.11 5.72 6.51
C LYS A 109 -0.13 5.81 6.54
N ASN A 110 -1.02 6.06 5.60
CA ASN A 110 -2.44 5.77 5.81
CA ASN A 110 -2.44 5.78 5.80
C ASN A 110 -2.71 4.27 5.93
N VAL A 111 -2.12 3.48 5.04
CA VAL A 111 -2.27 2.02 5.10
C VAL A 111 -1.66 1.47 6.40
N ASN A 112 -0.50 2.01 6.80
CA ASN A 112 0.12 1.65 8.08
C ASN A 112 -0.79 1.92 9.27
N GLN A 113 -1.41 3.09 9.30
CA GLN A 113 -2.35 3.44 10.38
C GLN A 113 -3.48 2.42 10.47
N SER A 114 -4.03 2.04 9.32
CA SER A 114 -5.07 1.00 9.27
C SER A 114 -4.58 -0.34 9.84
N LEU A 115 -3.36 -0.73 9.46
CA LEU A 115 -2.76 -1.96 9.98
C LEU A 115 -2.54 -1.93 11.49
N LEU A 116 -2.12 -0.77 12.00
CA LEU A 116 -1.95 -0.58 13.44
C LEU A 116 -3.28 -0.67 14.19
N GLU A 117 -4.34 -0.08 13.62
CA GLU A 117 -5.68 -0.21 14.20
C GLU A 117 -6.16 -1.67 14.18
N LEU A 118 -5.83 -2.39 13.11
CA LEU A 118 -6.15 -3.81 12.99
CA LEU A 118 -6.18 -3.80 13.00
C LEU A 118 -5.43 -4.61 14.07
N HIS A 119 -4.15 -4.30 14.27
CA HIS A 119 -3.38 -4.96 15.32
C HIS A 119 -3.94 -4.68 16.72
N LYS A 120 -4.35 -3.43 16.97
N LYS A 120 -4.35 -3.44 16.97
CA LYS A 120 -4.95 -3.07 18.25
CA LYS A 120 -4.95 -3.07 18.25
C LYS A 120 -6.24 -3.87 18.51
C LYS A 120 -6.24 -3.87 18.51
N LEU A 121 -7.04 -4.04 17.46
CA LEU A 121 -8.26 -4.85 17.55
C LEU A 121 -7.94 -6.31 17.88
N ALA A 122 -6.98 -6.87 17.15
CA ALA A 122 -6.53 -8.25 17.39
C ALA A 122 -6.02 -8.43 18.82
N THR A 123 -5.29 -7.43 19.32
CA THR A 123 -4.84 -7.42 20.70
C THR A 123 -6.01 -7.38 21.69
N ASP A 124 -6.96 -6.48 21.45
CA ASP A 124 -8.13 -6.36 22.32
C ASP A 124 -8.95 -7.65 22.36
N LYS A 125 -8.97 -8.39 21.26
CA LYS A 125 -9.72 -9.63 21.18
C LYS A 125 -8.86 -10.86 21.48
N ASN A 126 -7.65 -10.62 22.00
CA ASN A 126 -6.72 -11.70 22.36
CA ASN A 126 -6.71 -11.70 22.34
C ASN A 126 -6.58 -12.74 21.23
N ASP A 127 -6.22 -12.26 20.04
CA ASP A 127 -6.01 -13.10 18.86
C ASP A 127 -4.52 -13.06 18.48
N PRO A 128 -3.71 -13.91 19.14
CA PRO A 128 -2.26 -13.85 18.88
C PRO A 128 -1.87 -14.33 17.48
N HIS A 129 -2.65 -15.23 16.90
CA HIS A 129 -2.37 -15.64 15.53
C HIS A 129 -2.49 -14.46 14.57
N LEU A 130 -3.55 -13.67 14.73
CA LEU A 130 -3.76 -12.51 13.87
C LEU A 130 -2.71 -11.43 14.12
N CYS A 131 -2.36 -11.22 15.39
CA CYS A 131 -1.27 -10.29 15.74
C CYS A 131 0.01 -10.67 15.02
N ASP A 132 0.39 -11.95 15.11
CA ASP A 132 1.60 -12.47 14.46
C ASP A 132 1.54 -12.30 12.94
N PHE A 133 0.37 -12.58 12.36
CA PHE A 133 0.18 -12.42 10.92
C PHE A 133 0.48 -10.99 10.48
N ILE A 134 -0.08 -10.02 11.18
CA ILE A 134 0.12 -8.61 10.87
C ILE A 134 1.58 -8.19 11.07
N GLU A 135 2.17 -8.57 12.20
CA GLU A 135 3.57 -8.23 12.49
C GLU A 135 4.54 -8.83 11.48
N THR A 136 4.35 -10.11 11.17
CA THR A 136 5.28 -10.87 10.34
C THR A 136 5.22 -10.48 8.87
N HIS A 137 4.02 -10.20 8.37
CA HIS A 137 3.85 -10.00 6.94
C HIS A 137 3.56 -8.58 6.49
N TYR A 138 3.21 -7.70 7.42
CA TYR A 138 2.78 -6.34 7.07
C TYR A 138 3.57 -5.21 7.71
N LEU A 139 3.82 -5.28 9.02
CA LEU A 139 4.29 -4.09 9.72
C LEU A 139 5.69 -3.65 9.34
N ASN A 140 6.63 -4.59 9.21
CA ASN A 140 7.98 -4.18 8.80
C ASN A 140 8.04 -3.81 7.32
N GLU A 141 7.25 -4.50 6.50
CA GLU A 141 7.15 -4.12 5.09
C GLU A 141 6.70 -2.66 4.96
N GLN A 142 5.74 -2.26 5.78
CA GLN A 142 5.27 -0.87 5.79
CA GLN A 142 5.27 -0.89 5.75
C GLN A 142 6.35 0.09 6.24
N VAL A 143 7.05 -0.25 7.32
CA VAL A 143 8.13 0.60 7.81
C VAL A 143 9.23 0.77 6.75
N LYS A 144 9.60 -0.32 6.08
CA LYS A 144 10.61 -0.24 5.01
C LYS A 144 10.12 0.60 3.84
N ALA A 145 8.86 0.42 3.46
CA ALA A 145 8.31 1.18 2.32
C ALA A 145 8.26 2.67 2.61
N ILE A 146 7.84 3.02 3.83
CA ILE A 146 7.76 4.42 4.26
C ILE A 146 9.16 5.06 4.29
N LYS A 147 10.14 4.32 4.83
CA LYS A 147 11.51 4.80 4.87
C LYS A 147 12.07 5.04 3.47
N GLU A 148 11.84 4.10 2.56
CA GLU A 148 12.31 4.22 1.18
C GLU A 148 11.70 5.44 0.48
N LEU A 149 10.38 5.62 0.64
CA LEU A 149 9.70 6.77 0.05
C LEU A 149 10.20 8.09 0.64
N GLY A 150 10.41 8.13 1.95
CA GLY A 150 11.01 9.30 2.59
C GLY A 150 12.37 9.63 2.00
N ASP A 151 13.22 8.61 1.86
CA ASP A 151 14.54 8.77 1.25
C ASP A 151 14.42 9.38 -0.16
N HIS A 152 13.49 8.85 -0.95
CA HIS A 152 13.28 9.33 -2.32
C HIS A 152 12.83 10.79 -2.35
N VAL A 153 11.86 11.13 -1.50
CA VAL A 153 11.37 12.52 -1.39
C VAL A 153 12.53 13.46 -1.04
N THR A 154 13.32 13.09 -0.04
CA THR A 154 14.48 13.89 0.37
C THR A 154 15.44 14.15 -0.77
N ASN A 155 15.82 13.10 -1.49
CA ASN A 155 16.75 13.26 -2.60
C ASN A 155 16.19 14.16 -3.70
N LEU A 156 14.94 13.95 -4.07
CA LEU A 156 14.31 14.81 -5.08
C LEU A 156 14.28 16.28 -4.67
N ARG A 157 13.91 16.55 -3.41
CA ARG A 157 13.92 17.91 -2.90
C ARG A 157 15.32 18.53 -2.95
N LYS A 158 16.32 17.79 -2.44
CA LYS A 158 17.70 18.30 -2.41
C LYS A 158 18.29 18.52 -3.79
N MET A 159 17.84 17.74 -4.77
CA MET A 159 18.33 17.85 -6.14
C MET A 159 17.69 19.03 -6.88
N GLY A 160 16.60 19.57 -6.35
CA GLY A 160 15.90 20.71 -6.97
C GLY A 160 14.55 20.45 -7.63
N ALA A 161 13.98 19.26 -7.41
CA ALA A 161 12.64 18.95 -7.94
C ALA A 161 11.56 19.72 -7.18
N PRO A 162 10.38 19.97 -7.80
CA PRO A 162 9.95 19.57 -9.13
C PRO A 162 10.35 20.53 -10.26
N GLU A 163 10.85 21.71 -9.90
CA GLU A 163 11.18 22.75 -10.87
C GLU A 163 12.26 22.31 -11.84
N SER A 164 13.24 21.57 -11.33
CA SER A 164 14.30 21.01 -12.15
C SER A 164 13.89 19.68 -12.79
N GLY A 165 13.56 19.75 -14.08
CA GLY A 165 13.30 18.55 -14.90
C GLY A 165 14.55 17.70 -15.02
N LEU A 166 15.72 18.35 -15.03
CA LEU A 166 17.02 17.66 -14.94
C LEU A 166 17.18 16.81 -13.66
N ALA A 167 16.78 17.35 -12.51
CA ALA A 167 16.81 16.58 -11.26
C ALA A 167 15.97 15.31 -11.36
N GLU A 168 14.73 15.42 -11.83
CA GLU A 168 13.87 14.24 -11.95
C GLU A 168 14.43 13.23 -12.96
N TYR A 169 14.96 13.72 -14.07
CA TYR A 169 15.62 12.86 -15.07
C TYR A 169 16.77 12.07 -14.44
N LEU A 170 17.65 12.76 -13.73
CA LEU A 170 18.84 12.13 -13.17
C LEU A 170 18.49 11.16 -12.04
N PHE A 171 17.50 11.51 -11.23
CA PHE A 171 17.00 10.61 -10.19
C PHE A 171 16.40 9.33 -10.79
N ASP A 172 15.59 9.50 -11.84
CA ASP A 172 15.03 8.37 -12.58
C ASP A 172 16.14 7.42 -13.05
N LYS A 173 17.23 7.95 -13.58
CA LYS A 173 18.32 7.13 -14.10
C LYS A 173 19.17 6.45 -13.02
N HIS A 174 19.53 7.21 -11.98
CA HIS A 174 20.55 6.72 -11.03
C HIS A 174 20.01 6.07 -9.77
N THR A 175 18.78 6.42 -9.37
CA THR A 175 18.15 5.75 -8.22
C THR A 175 17.13 4.70 -8.63
N LEU A 176 16.25 5.03 -9.56
CA LEU A 176 15.18 4.10 -9.94
C LEU A 176 15.56 3.17 -11.09
N GLY A 177 16.69 3.43 -11.74
CA GLY A 177 17.14 2.63 -12.87
C GLY A 177 18.27 1.69 -12.51
C TRS B . 2.49 -16.67 9.14
C1 TRS B . 3.80 -15.95 9.30
C2 TRS B . 2.32 -17.24 7.73
C3 TRS B . 1.35 -15.71 9.48
N TRS B . 2.54 -17.78 10.13
O1 TRS B . 4.03 -15.67 10.69
O2 TRS B . 3.56 -17.78 7.22
O3 TRS B . 0.07 -16.34 9.49
N1 BCN C . -7.66 -3.94 -9.12
C1 BCN C . -6.60 -4.47 -9.98
C2 BCN C . -5.74 -5.43 -9.20
O21 BCN C . -5.88 -5.50 -7.96
O22 BCN C . -4.93 -6.13 -9.83
C3 BCN C . -7.39 -2.52 -8.87
C4 BCN C . -5.90 -2.35 -8.66
O4 BCN C . -5.26 -2.09 -9.92
C5 BCN C . -8.96 -4.10 -9.80
C6 BCN C . -9.38 -5.56 -9.75
O6 BCN C . -8.20 -6.40 -9.73
FE FE D . 0.08 -2.89 1.24
FE FE E . 2.20 -0.20 0.58
FE FE F . 7.71 -2.04 -2.37
FE FE G . 9.13 -6.33 -4.81
FE FE H . 25.54 9.52 -14.53
FE FE I . 3.00 -9.83 20.64
FE FE J . 6.70 -12.57 15.74
CL CL K . 25.11 11.91 -14.26
CL CL L . -17.47 -13.01 17.60
CL CL M . -19.35 -1.22 -2.65
CL CL N . -3.21 -11.92 22.61
CL CL O . -17.46 -7.31 6.23
CL CL P . -14.50 -18.02 16.77
CL CL Q . -3.55 -22.77 4.72
CL CL R . 16.55 7.60 -2.24
CL CL S . 14.58 -4.34 8.10
CL CL T . -13.30 -20.21 19.78
CL CL U . 6.61 -7.37 7.68
CL CL V . -19.01 5.39 -1.30
CL CL W . -14.44 -1.88 2.56
MG MG X . 5.57 -17.28 11.13
MG MG Y . -11.77 1.50 3.47
MG MG Z . -22.65 -0.91 -5.96
#